data_4MA5
#
_entry.id   4MA5
#
_cell.length_a   84.943
_cell.length_b   84.943
_cell.length_c   106.539
_cell.angle_alpha   90.00
_cell.angle_beta   90.00
_cell.angle_gamma   90.00
#
_symmetry.space_group_name_H-M   'P 43 21 2'
#
loop_
_entity.id
_entity.type
_entity.pdbx_description
1 polymer 'Phosphoribosylaminoimidazole carboxylase, ATPase subunit'
2 non-polymer 'PHOSPHOAMINOPHOSPHONIC ACID-ADENYLATE ESTER'
3 non-polymer 'FORMIC ACID'
4 non-polymer 'SODIUM ION'
5 non-polymer GLYCEROL
6 water water
#
_entity_poly.entity_id   1
_entity_poly.type   'polypeptide(L)'
_entity_poly.pdbx_seq_one_letter_code
;(MSE)KIGIIGAGQLAR(MSE)LSLAGTPLGLEFHCLGKNGDCAEEVVKTVTDIELTKVNDVVAWAKQFDVITFENENIS
HELIKAINHEVSVYPSAKAIAISQDRLLEKSF(MSE)QDHGIATAKFVNIDSLAKLQSAVDDHGLPAILKTRRFGYDGKG
QFVIRSQEDITKAWDVLKDAPDGLIYEAFVDFDYEVSQICTADLKGNIAFYPLARNTHKQGIIVESEAPFENVVLAEKAQ
QIAKILVKEFAYVGTLAIEFFVKGDELIVNEIAPRVHNSGHWSIDGAVTSQFENHVRAIAGLILGDTTSRKTV(MSE)LN
CIGG(MSE)PATKDLAALDRVKIHSYNKEPRKGRKVGHLNLNLNDETDEYQLLQVKKLIALSEEI
;
_entity_poly.pdbx_strand_id   A
#
# COMPACT_ATOMS: atom_id res chain seq x y z
N LYS A 2 3.04 -23.38 7.33
CA LYS A 2 1.79 -22.87 6.79
C LYS A 2 1.62 -21.42 7.15
N ILE A 3 1.30 -20.61 6.14
CA ILE A 3 1.06 -19.19 6.35
C ILE A 3 -0.40 -18.87 6.06
N GLY A 4 -1.06 -18.27 7.05
CA GLY A 4 -2.44 -17.81 6.90
C GLY A 4 -2.44 -16.35 6.50
N ILE A 5 -3.28 -15.99 5.54
CA ILE A 5 -3.38 -14.59 5.12
C ILE A 5 -4.82 -14.15 5.30
N ILE A 6 -5.02 -13.03 5.99
CA ILE A 6 -6.37 -12.48 6.08
C ILE A 6 -6.56 -11.64 4.82
N GLY A 7 -7.50 -12.07 3.99
CA GLY A 7 -7.70 -11.47 2.68
C GLY A 7 -7.32 -12.44 1.58
N ALA A 8 -8.06 -12.39 0.48
CA ALA A 8 -7.81 -13.26 -0.69
C ALA A 8 -7.76 -12.46 -1.99
N GLY A 9 -7.30 -11.21 -1.90
CA GLY A 9 -7.22 -10.33 -3.06
C GLY A 9 -5.90 -10.47 -3.79
N GLN A 10 -5.58 -9.53 -4.67
CA GLN A 10 -4.39 -9.67 -5.49
C GLN A 10 -3.09 -9.64 -4.71
N LEU A 11 -3.06 -8.93 -3.58
CA LEU A 11 -1.84 -8.90 -2.78
C LEU A 11 -1.57 -10.28 -2.16
N ALA A 12 -2.63 -10.92 -1.68
CA ALA A 12 -2.53 -12.29 -1.20
C ALA A 12 -2.12 -13.24 -2.34
N ARG A 13 -2.73 -13.06 -3.51
CA ARG A 13 -2.40 -13.86 -4.68
C ARG A 13 -0.91 -13.78 -5.01
N LEU A 15 1.60 -12.76 -2.97
CA LEU A 15 2.38 -13.31 -1.86
C LEU A 15 2.55 -14.82 -2.05
N SER A 16 1.47 -15.48 -2.45
CA SER A 16 1.50 -16.94 -2.62
C SER A 16 2.30 -17.33 -3.86
N LEU A 17 2.14 -16.59 -4.95
CA LEU A 17 2.94 -16.84 -6.13
C LEU A 17 4.44 -16.72 -5.79
N ALA A 18 4.80 -15.74 -4.97
CA ALA A 18 6.21 -15.52 -4.63
C ALA A 18 6.73 -16.53 -3.60
N GLY A 19 5.86 -16.93 -2.69
CA GLY A 19 6.27 -17.72 -1.54
C GLY A 19 6.13 -19.20 -1.76
N THR A 20 5.25 -19.61 -2.68
CA THR A 20 5.08 -21.03 -2.95
C THR A 20 6.36 -21.78 -3.39
N PRO A 21 7.17 -21.18 -4.29
CA PRO A 21 8.46 -21.84 -4.61
C PRO A 21 9.41 -21.96 -3.44
N LEU A 22 9.19 -21.23 -2.34
CA LEU A 22 10.04 -21.43 -1.17
C LEU A 22 9.64 -22.69 -0.42
N GLY A 23 8.54 -23.32 -0.84
CA GLY A 23 8.06 -24.52 -0.19
C GLY A 23 7.06 -24.23 0.91
N LEU A 24 6.56 -22.99 0.97
CA LEU A 24 5.55 -22.61 1.95
C LEU A 24 4.15 -22.87 1.43
N GLU A 25 3.24 -23.16 2.36
CA GLU A 25 1.85 -23.46 2.03
C GLU A 25 0.96 -22.30 2.49
N PHE A 26 0.09 -21.83 1.59
CA PHE A 26 -0.73 -20.64 1.83
C PHE A 26 -2.21 -20.90 2.00
N HIS A 27 -2.81 -20.24 2.99
CA HIS A 27 -4.23 -20.34 3.25
C HIS A 27 -4.81 -18.96 3.47
N CYS A 28 -5.95 -18.66 2.84
CA CYS A 28 -6.56 -17.35 2.96
C CYS A 28 -7.86 -17.34 3.72
N LEU A 29 -8.14 -16.21 4.36
CA LEU A 29 -9.45 -15.90 4.87
C LEU A 29 -10.11 -14.95 3.87
N GLY A 30 -11.14 -15.44 3.17
CA GLY A 30 -11.84 -14.65 2.17
C GLY A 30 -12.86 -15.49 1.44
N LYS A 31 -13.25 -15.09 0.23
CA LYS A 31 -14.28 -15.81 -0.51
C LYS A 31 -13.81 -16.64 -1.69
N ASN A 32 -14.62 -17.63 -2.04
CA ASN A 32 -14.35 -18.54 -3.14
C ASN A 32 -14.05 -17.88 -4.49
N GLY A 33 -14.72 -16.77 -4.76
CA GLY A 33 -14.55 -16.09 -6.04
C GLY A 33 -13.43 -15.06 -6.04
N ASP A 34 -12.71 -14.95 -4.92
CA ASP A 34 -11.65 -13.95 -4.81
C ASP A 34 -10.42 -14.42 -5.58
N CYS A 35 -9.58 -13.49 -6.03
CA CYS A 35 -8.58 -13.84 -7.03
C CYS A 35 -7.38 -14.64 -6.52
N ALA A 36 -7.16 -14.72 -5.21
CA ALA A 36 -6.11 -15.58 -4.71
C ALA A 36 -6.46 -17.07 -4.71
N GLU A 37 -7.75 -17.40 -4.86
CA GLU A 37 -8.19 -18.79 -4.65
C GLU A 37 -7.44 -19.82 -5.46
N GLU A 38 -7.16 -19.52 -6.72
CA GLU A 38 -6.58 -20.50 -7.62
C GLU A 38 -5.10 -20.76 -7.33
N VAL A 39 -4.47 -19.93 -6.51
CA VAL A 39 -3.05 -20.12 -6.21
C VAL A 39 -2.74 -20.40 -4.75
N VAL A 40 -3.76 -20.65 -3.93
CA VAL A 40 -3.52 -20.99 -2.52
C VAL A 40 -4.16 -22.33 -2.17
N LYS A 41 -3.69 -22.95 -1.09
CA LYS A 41 -4.15 -24.26 -0.69
C LYS A 41 -5.65 -24.25 -0.34
N THR A 42 -6.06 -23.35 0.54
CA THR A 42 -7.47 -23.23 0.91
C THR A 42 -7.86 -21.75 1.03
N VAL A 43 -9.16 -21.50 0.87
CA VAL A 43 -9.75 -20.20 1.18
C VAL A 43 -10.96 -20.49 2.06
N THR A 44 -11.08 -19.78 3.17
CA THR A 44 -12.14 -20.02 4.12
C THR A 44 -12.87 -18.71 4.39
N ASP A 45 -14.20 -18.74 4.26
CA ASP A 45 -14.99 -17.52 4.40
C ASP A 45 -15.58 -17.40 5.79
N ILE A 46 -15.01 -16.51 6.59
CA ILE A 46 -15.46 -16.29 7.96
C ILE A 46 -15.63 -14.79 8.12
N GLU A 47 -16.77 -14.35 8.65
CA GLU A 47 -16.95 -12.93 8.95
C GLU A 47 -15.96 -12.51 10.03
N LEU A 48 -15.28 -11.40 9.82
CA LEU A 48 -14.22 -10.95 10.71
C LEU A 48 -14.71 -10.49 12.08
N THR A 49 -16.02 -10.30 12.22
CA THR A 49 -16.59 -9.94 13.51
C THR A 49 -16.64 -11.15 14.44
N LYS A 50 -16.75 -12.34 13.86
CA LYS A 50 -16.78 -13.59 14.62
C LYS A 50 -15.37 -13.93 15.10
N VAL A 51 -14.94 -13.27 16.17
CA VAL A 51 -13.53 -13.30 16.57
C VAL A 51 -13.00 -14.70 16.93
N ASN A 52 -13.73 -15.43 17.77
CA ASN A 52 -13.27 -16.76 18.17
C ASN A 52 -13.14 -17.71 16.99
N ASP A 53 -14.02 -17.56 15.99
CA ASP A 53 -13.95 -18.38 14.79
C ASP A 53 -12.71 -18.04 13.97
N VAL A 54 -12.38 -16.76 13.88
CA VAL A 54 -11.22 -16.32 13.13
C VAL A 54 -9.96 -16.80 13.82
N VAL A 55 -9.95 -16.72 15.15
CA VAL A 55 -8.81 -17.17 15.93
C VAL A 55 -8.66 -18.68 15.80
N ALA A 56 -9.78 -19.41 15.85
CA ALA A 56 -9.77 -20.86 15.63
C ALA A 56 -9.19 -21.22 14.26
N TRP A 57 -9.55 -20.47 13.22
CA TRP A 57 -9.00 -20.67 11.88
C TRP A 57 -7.50 -20.44 11.87
N ALA A 58 -7.08 -19.35 12.53
CA ALA A 58 -5.68 -18.93 12.50
C ALA A 58 -4.75 -19.96 13.15
N LYS A 59 -5.28 -20.67 14.14
CA LYS A 59 -4.48 -21.60 14.92
C LYS A 59 -4.08 -22.85 14.14
N GLN A 60 -4.61 -22.99 12.92
CA GLN A 60 -4.23 -24.06 12.04
C GLN A 60 -2.87 -23.80 11.41
N PHE A 61 -2.37 -22.58 11.56
CA PHE A 61 -1.21 -22.14 10.80
C PHE A 61 -0.04 -21.72 11.69
N ASP A 62 1.13 -21.52 11.09
CA ASP A 62 2.33 -21.25 11.87
C ASP A 62 2.58 -19.75 12.05
N VAL A 63 2.06 -18.95 11.14
CA VAL A 63 2.19 -17.50 11.22
C VAL A 63 1.07 -16.89 10.39
N ILE A 64 0.63 -15.69 10.77
CA ILE A 64 -0.47 -14.99 10.11
C ILE A 64 -0.02 -13.63 9.61
N THR A 65 -0.48 -13.25 8.42
CA THR A 65 -0.28 -11.88 7.96
C THR A 65 -1.60 -11.43 7.35
N PHE A 66 -1.62 -10.23 6.75
CA PHE A 66 -2.88 -9.65 6.28
C PHE A 66 -2.59 -8.72 5.11
N GLU A 67 -3.57 -8.49 4.25
CA GLU A 67 -3.33 -7.63 3.08
C GLU A 67 -3.97 -6.24 3.21
N ASN A 68 -4.81 -6.06 4.22
CA ASN A 68 -5.52 -4.78 4.36
C ASN A 68 -5.45 -4.27 5.80
N GLU A 69 -4.79 -3.13 5.98
CA GLU A 69 -4.55 -2.63 7.33
C GLU A 69 -5.80 -2.02 7.97
N ASN A 70 -6.92 -2.00 7.26
CA ASN A 70 -8.14 -1.45 7.83
C ASN A 70 -8.88 -2.43 8.70
N ILE A 71 -8.28 -3.59 8.91
CA ILE A 71 -8.90 -4.60 9.76
C ILE A 71 -8.82 -4.20 11.22
N SER A 72 -9.68 -4.82 12.03
CA SER A 72 -9.77 -4.55 13.45
C SER A 72 -8.46 -4.88 14.13
N HIS A 73 -7.87 -3.89 14.79
CA HIS A 73 -6.58 -4.09 15.41
C HIS A 73 -6.75 -4.93 16.69
N GLU A 74 -7.96 -4.92 17.24
CA GLU A 74 -8.31 -5.81 18.35
C GLU A 74 -8.40 -7.27 17.92
N LEU A 75 -8.93 -7.51 16.73
CA LEU A 75 -8.92 -8.84 16.13
C LEU A 75 -7.51 -9.36 15.98
N ILE A 76 -6.61 -8.51 15.49
CA ILE A 76 -5.21 -8.89 15.36
C ILE A 76 -4.55 -9.18 16.71
N LYS A 77 -4.85 -8.37 17.72
CA LYS A 77 -4.37 -8.64 19.07
C LYS A 77 -4.83 -10.01 19.56
N ALA A 78 -6.12 -10.29 19.38
CA ALA A 78 -6.72 -11.56 19.79
C ALA A 78 -6.04 -12.75 19.11
N ILE A 79 -5.80 -12.64 17.80
CA ILE A 79 -5.13 -13.70 17.04
C ILE A 79 -3.69 -13.85 17.52
N ASN A 80 -2.97 -12.73 17.60
CA ASN A 80 -1.53 -12.73 17.91
C ASN A 80 -1.22 -13.36 19.26
N HIS A 81 -2.19 -13.32 20.17
CA HIS A 81 -2.04 -13.92 21.49
C HIS A 81 -1.89 -15.45 21.39
N GLU A 82 -2.40 -16.02 20.30
CA GLU A 82 -2.38 -17.48 20.08
C GLU A 82 -1.38 -17.90 19.00
N VAL A 83 -1.36 -17.15 17.90
CA VAL A 83 -0.41 -17.43 16.82
C VAL A 83 0.18 -16.14 16.28
N SER A 84 1.49 -16.12 16.08
CA SER A 84 2.22 -14.92 15.64
C SER A 84 1.57 -14.26 14.42
N VAL A 85 1.26 -12.97 14.55
CA VAL A 85 0.81 -12.16 13.42
C VAL A 85 1.88 -11.13 13.08
N TYR A 86 2.24 -11.05 11.79
CA TYR A 86 3.17 -10.02 11.32
C TYR A 86 2.58 -9.28 10.12
N PRO A 87 2.69 -7.94 10.10
CA PRO A 87 3.33 -7.14 11.14
C PRO A 87 2.42 -6.83 12.34
N SER A 88 2.89 -5.95 13.21
CA SER A 88 2.34 -5.77 14.54
C SER A 88 0.99 -5.05 14.60
N ALA A 89 0.26 -5.24 15.70
CA ALA A 89 -0.99 -4.52 15.93
C ALA A 89 -0.75 -3.01 16.05
N LYS A 90 0.41 -2.63 16.59
CA LYS A 90 0.74 -1.22 16.72
C LYS A 90 0.88 -0.55 15.36
N ALA A 91 1.53 -1.25 14.43
CA ALA A 91 1.69 -0.75 13.06
C ALA A 91 0.33 -0.58 12.40
N ILE A 92 -0.57 -1.53 12.65
CA ILE A 92 -1.91 -1.48 12.08
C ILE A 92 -2.68 -0.30 12.66
N ALA A 93 -2.65 -0.19 13.99
CA ALA A 93 -3.40 0.83 14.70
C ALA A 93 -3.00 2.23 14.26
N ILE A 94 -1.71 2.48 14.08
CA ILE A 94 -1.26 3.81 13.72
C ILE A 94 -1.48 4.11 12.24
N SER A 95 -1.24 3.12 11.37
CA SER A 95 -1.35 3.35 9.93
C SER A 95 -2.80 3.48 9.46
N GLN A 96 -3.73 2.84 10.15
CA GLN A 96 -5.13 2.80 9.73
C GLN A 96 -5.93 4.03 10.13
N ASP A 97 -5.34 4.89 10.95
CA ASP A 97 -6.02 6.09 11.42
C ASP A 97 -5.15 7.30 11.06
N ARG A 98 -5.64 8.15 10.16
CA ARG A 98 -4.87 9.29 9.68
C ARG A 98 -4.39 10.25 10.76
N LEU A 99 -5.18 10.43 11.81
CA LEU A 99 -4.75 11.27 12.92
C LEU A 99 -3.60 10.63 13.67
N LEU A 100 -3.71 9.33 13.95
CA LEU A 100 -2.65 8.65 14.70
C LEU A 100 -1.37 8.58 13.88
N GLU A 101 -1.52 8.36 12.58
CA GLU A 101 -0.40 8.25 11.64
C GLU A 101 0.36 9.57 11.59
N LYS A 102 -0.35 10.67 11.39
CA LYS A 102 0.31 11.97 11.33
C LYS A 102 0.85 12.42 12.68
N SER A 103 0.15 12.08 13.77
CA SER A 103 0.61 12.45 15.10
C SER A 103 1.90 11.74 15.44
N PHE A 104 2.02 10.50 14.98
CA PHE A 104 3.24 9.72 15.20
C PHE A 104 4.45 10.40 14.54
N GLN A 106 4.73 13.57 13.63
CA GLN A 106 4.96 14.82 14.36
C GLN A 106 5.70 14.58 15.67
N ASP A 107 5.33 13.52 16.39
CA ASP A 107 5.97 13.19 17.66
C ASP A 107 7.45 12.81 17.53
N HIS A 108 7.85 12.33 16.35
CA HIS A 108 9.25 11.96 16.09
C HIS A 108 9.98 12.97 15.20
N GLY A 109 9.38 14.15 15.01
CA GLY A 109 10.05 15.22 14.29
C GLY A 109 10.13 14.93 12.80
N ILE A 110 9.13 14.22 12.27
CA ILE A 110 9.09 13.86 10.86
C ILE A 110 8.00 14.68 10.16
N ALA A 111 8.36 15.33 9.05
CA ALA A 111 7.48 16.25 8.36
C ALA A 111 6.26 15.56 7.77
N THR A 112 5.12 16.22 7.90
CA THR A 112 3.88 15.82 7.23
C THR A 112 3.15 17.08 6.75
N ALA A 113 2.03 16.86 6.09
CA ALA A 113 1.09 17.95 5.83
C ALA A 113 0.62 18.47 7.17
N LYS A 114 0.35 19.78 7.25
CA LYS A 114 -0.27 20.31 8.45
C LYS A 114 -1.62 19.66 8.59
N PHE A 115 -1.97 19.29 9.82
CA PHE A 115 -3.19 18.51 10.03
C PHE A 115 -3.83 18.90 11.35
N VAL A 116 -5.14 18.76 11.41
CA VAL A 116 -5.92 19.08 12.60
C VAL A 116 -7.03 18.04 12.77
N ASN A 117 -7.21 17.54 13.98
CA ASN A 117 -8.37 16.67 14.26
C ASN A 117 -9.65 17.50 14.29
N ILE A 118 -10.69 17.03 13.58
CA ILE A 118 -11.91 17.81 13.40
C ILE A 118 -13.14 17.18 14.06
N ASP A 119 -13.68 17.87 15.05
CA ASP A 119 -14.79 17.34 15.85
C ASP A 119 -15.98 18.26 15.79
N SER A 120 -15.84 19.35 15.03
CA SER A 120 -16.90 20.34 14.94
C SER A 120 -16.71 21.18 13.70
N LEU A 121 -17.77 21.85 13.27
CA LEU A 121 -17.66 22.79 12.16
C LEU A 121 -16.74 23.96 12.54
N ALA A 122 -16.84 24.41 13.78
CA ALA A 122 -16.03 25.52 14.27
C ALA A 122 -14.55 25.17 14.28
N LYS A 123 -14.24 23.91 14.60
CA LYS A 123 -12.87 23.43 14.60
C LYS A 123 -12.30 23.42 13.20
N LEU A 124 -13.12 23.04 12.23
CA LEU A 124 -12.70 23.03 10.83
C LEU A 124 -12.49 24.44 10.33
N GLN A 125 -13.41 25.34 10.68
CA GLN A 125 -13.27 26.74 10.34
C GLN A 125 -11.93 27.26 10.87
N SER A 126 -11.66 26.99 12.14
CA SER A 126 -10.40 27.38 12.77
C SER A 126 -9.17 26.79 12.09
N ALA A 127 -9.26 25.52 11.71
CA ALA A 127 -8.16 24.88 10.99
C ALA A 127 -7.91 25.58 9.65
N VAL A 128 -8.98 25.95 8.96
CA VAL A 128 -8.85 26.71 7.72
C VAL A 128 -8.29 28.12 7.99
N ASP A 129 -8.79 28.78 9.02
CA ASP A 129 -8.25 30.09 9.43
C ASP A 129 -6.74 30.04 9.71
N ASP A 130 -6.29 28.91 10.26
CA ASP A 130 -4.90 28.77 10.68
C ASP A 130 -3.95 28.32 9.58
N HIS A 131 -4.38 27.34 8.78
CA HIS A 131 -3.47 26.66 7.89
C HIS A 131 -3.83 26.83 6.41
N GLY A 132 -4.95 27.50 6.17
CA GLY A 132 -5.31 27.96 4.84
C GLY A 132 -5.99 26.98 3.93
N LEU A 133 -6.13 27.41 2.67
CA LEU A 133 -6.74 26.62 1.62
C LEU A 133 -5.80 26.62 0.42
N PRO A 134 -5.92 25.63 -0.49
CA PRO A 134 -6.85 24.50 -0.46
C PRO A 134 -6.47 23.49 0.61
N ALA A 135 -7.44 22.69 1.04
CA ALA A 135 -7.22 21.70 2.07
C ALA A 135 -8.13 20.52 1.76
N ILE A 136 -8.00 19.47 2.53
CA ILE A 136 -8.90 18.33 2.38
C ILE A 136 -9.47 17.97 3.74
N LEU A 137 -10.79 17.75 3.78
CA LEU A 137 -11.38 17.12 4.95
C LEU A 137 -11.48 15.64 4.65
N LYS A 138 -10.79 14.83 5.44
CA LYS A 138 -10.76 13.38 5.26
C LYS A 138 -11.33 12.68 6.47
N THR A 139 -11.83 11.46 6.27
CA THR A 139 -12.17 10.63 7.40
C THR A 139 -10.86 10.11 7.98
N ARG A 140 -10.88 9.70 9.24
CA ARG A 140 -9.68 9.15 9.84
C ARG A 140 -9.51 7.67 9.48
N ARG A 141 -10.63 6.98 9.24
CA ARG A 141 -10.64 5.52 9.14
C ARG A 141 -11.20 4.95 7.84
N PHE A 142 -11.84 5.77 7.01
CA PHE A 142 -12.43 5.21 5.79
C PHE A 142 -11.64 5.68 4.61
N GLY A 143 -11.86 5.01 3.48
CA GLY A 143 -11.39 5.58 2.23
C GLY A 143 -10.22 4.91 1.56
N TYR A 144 -10.38 4.78 0.25
CA TYR A 144 -9.39 4.21 -0.62
C TYR A 144 -9.33 5.12 -1.84
N ASP A 145 -8.12 5.30 -2.36
CA ASP A 145 -7.87 5.95 -3.66
C ASP A 145 -8.64 7.25 -3.88
N GLY A 146 -8.60 8.12 -2.87
CA GLY A 146 -9.15 9.45 -2.99
C GLY A 146 -10.63 9.55 -2.65
N LYS A 147 -11.23 8.43 -2.26
CA LYS A 147 -12.68 8.45 -2.00
C LYS A 147 -12.95 8.70 -0.52
N GLY A 148 -14.17 9.16 -0.22
CA GLY A 148 -14.56 9.40 1.17
C GLY A 148 -13.93 10.64 1.78
N GLN A 149 -13.71 11.65 0.94
CA GLN A 149 -13.13 12.91 1.41
C GLN A 149 -13.75 14.06 0.67
N PHE A 150 -13.33 15.28 1.00
CA PHE A 150 -13.91 16.46 0.37
C PHE A 150 -12.85 17.56 0.30
N VAL A 151 -12.51 17.99 -0.91
CA VAL A 151 -11.47 19.00 -1.06
C VAL A 151 -12.06 20.38 -0.87
N ILE A 152 -11.51 21.12 0.08
CA ILE A 152 -12.01 22.46 0.39
C ILE A 152 -11.20 23.54 -0.32
N ARG A 153 -11.82 24.19 -1.30
CA ARG A 153 -11.13 25.21 -2.08
C ARG A 153 -11.62 26.62 -1.77
N SER A 154 -12.80 26.73 -1.16
CA SER A 154 -13.38 28.02 -0.83
C SER A 154 -14.04 27.99 0.54
N GLN A 155 -14.54 29.14 0.98
CA GLN A 155 -15.18 29.24 2.29
C GLN A 155 -16.56 28.62 2.29
N GLU A 156 -17.17 28.50 1.11
CA GLU A 156 -18.47 27.86 0.99
C GLU A 156 -18.32 26.34 1.05
N ASP A 157 -17.15 25.85 0.60
CA ASP A 157 -16.88 24.42 0.58
C ASP A 157 -16.77 23.86 1.99
N ILE A 158 -16.56 24.74 2.97
CA ILE A 158 -16.34 24.33 4.35
C ILE A 158 -17.57 23.66 4.94
N THR A 159 -18.70 24.36 4.92
CA THR A 159 -19.94 23.80 5.47
C THR A 159 -20.37 22.59 4.64
N LYS A 160 -20.12 22.64 3.33
CA LYS A 160 -20.43 21.52 2.45
C LYS A 160 -19.65 20.29 2.85
N ALA A 161 -18.34 20.46 3.07
CA ALA A 161 -17.45 19.37 3.50
C ALA A 161 -17.92 18.80 4.82
N TRP A 162 -18.20 19.68 5.77
CA TRP A 162 -18.68 19.28 7.08
C TRP A 162 -20.00 18.51 6.95
N ASP A 163 -20.97 19.07 6.24
CA ASP A 163 -22.27 18.42 6.06
C ASP A 163 -22.22 17.01 5.44
N VAL A 164 -21.24 16.79 4.57
CA VAL A 164 -21.07 15.49 3.92
C VAL A 164 -20.45 14.47 4.88
N LEU A 165 -19.41 14.87 5.60
CA LEU A 165 -18.58 13.93 6.32
C LEU A 165 -18.77 13.88 7.83
N LYS A 166 -19.60 14.77 8.37
CA LYS A 166 -19.66 15.00 9.82
C LYS A 166 -19.99 13.77 10.63
N ASP A 167 -20.78 12.86 10.04
CA ASP A 167 -21.22 11.67 10.74
C ASP A 167 -20.36 10.43 10.50
N ALA A 168 -19.19 10.59 9.91
CA ALA A 168 -18.32 9.45 9.65
C ALA A 168 -17.95 8.82 10.99
N PRO A 169 -18.19 7.51 11.15
CA PRO A 169 -17.79 6.89 12.41
C PRO A 169 -16.27 7.02 12.62
N ASP A 170 -15.86 7.32 13.86
CA ASP A 170 -14.43 7.40 14.19
C ASP A 170 -13.71 8.63 13.63
N GLY A 171 -14.47 9.61 13.15
CA GLY A 171 -13.95 10.96 13.07
C GLY A 171 -13.26 11.44 11.81
N LEU A 172 -12.73 12.67 11.88
CA LEU A 172 -12.28 13.42 10.72
C LEU A 172 -10.97 14.16 10.98
N ILE A 173 -10.28 14.48 9.90
CA ILE A 173 -9.02 15.21 9.96
C ILE A 173 -8.94 16.23 8.82
N TYR A 174 -8.51 17.44 9.15
CA TYR A 174 -8.17 18.46 8.16
C TYR A 174 -6.74 18.21 7.75
N GLU A 175 -6.47 18.19 6.45
CA GLU A 175 -5.09 18.21 5.98
C GLU A 175 -4.89 19.35 5.02
N ALA A 176 -3.83 20.12 5.20
CA ALA A 176 -3.46 21.13 4.21
C ALA A 176 -3.07 20.42 2.92
N PHE A 177 -3.48 20.99 1.79
CA PHE A 177 -3.20 20.39 0.49
C PHE A 177 -1.75 20.70 0.15
N VAL A 178 -0.92 19.67 0.09
CA VAL A 178 0.50 19.83 -0.20
C VAL A 178 0.71 20.04 -1.70
N ASP A 179 1.45 21.07 -2.05
CA ASP A 179 1.73 21.36 -3.45
C ASP A 179 3.07 20.75 -3.80
N PHE A 180 3.08 19.47 -4.14
CA PHE A 180 4.34 18.76 -4.33
C PHE A 180 4.88 18.85 -5.76
N ASP A 181 6.18 18.65 -5.88
CA ASP A 181 6.84 18.56 -7.18
C ASP A 181 6.63 17.18 -7.74
N TYR A 182 6.86 16.16 -6.92
CA TYR A 182 6.61 14.77 -7.33
C TYR A 182 6.49 13.88 -6.10
N GLU A 183 6.15 12.62 -6.32
CA GLU A 183 5.93 11.70 -5.21
C GLU A 183 6.91 10.53 -5.31
N VAL A 184 7.36 10.04 -4.15
CA VAL A 184 8.18 8.84 -4.15
C VAL A 184 7.76 7.94 -2.99
N SER A 185 8.09 6.66 -3.08
CA SER A 185 7.85 5.75 -1.96
C SER A 185 9.08 4.95 -1.64
N GLN A 186 9.24 4.64 -0.35
CA GLN A 186 10.28 3.79 0.13
C GLN A 186 9.67 2.48 0.61
N ILE A 187 9.99 1.39 -0.09
CA ILE A 187 9.54 0.08 0.36
C ILE A 187 10.75 -0.67 0.93
N CYS A 188 10.54 -1.38 2.03
CA CYS A 188 11.64 -2.13 2.64
C CYS A 188 11.03 -3.33 3.34
N THR A 189 11.87 -4.26 3.78
CA THR A 189 11.38 -5.45 4.47
C THR A 189 12.25 -5.67 5.68
N ALA A 190 11.62 -5.84 6.84
CA ALA A 190 12.36 -6.10 8.06
C ALA A 190 12.18 -7.55 8.44
N ASP A 191 13.29 -8.25 8.71
CA ASP A 191 13.20 -9.64 9.12
C ASP A 191 12.87 -9.77 10.59
N LEU A 192 12.84 -11.00 11.08
CA LEU A 192 12.40 -11.27 12.44
C LEU A 192 13.31 -10.60 13.47
N LYS A 193 14.55 -10.31 13.09
CA LYS A 193 15.49 -9.70 14.02
C LYS A 193 15.66 -8.20 13.82
N GLY A 194 14.89 -7.63 12.90
CA GLY A 194 14.90 -6.18 12.69
C GLY A 194 15.92 -5.70 11.67
N ASN A 195 16.58 -6.65 10.98
CA ASN A 195 17.43 -6.31 9.85
C ASN A 195 16.52 -5.88 8.73
N ILE A 196 16.89 -4.80 8.05
CA ILE A 196 16.04 -4.26 6.99
C ILE A 196 16.71 -4.42 5.64
N ALA A 197 15.98 -4.96 4.67
CA ALA A 197 16.42 -4.96 3.29
C ALA A 197 15.73 -3.82 2.56
N PHE A 198 16.52 -2.95 1.93
CA PHE A 198 15.93 -1.78 1.29
C PHE A 198 15.79 -1.95 -0.20
N TYR A 199 14.70 -1.42 -0.74
CA TYR A 199 14.57 -1.25 -2.18
C TYR A 199 14.98 0.18 -2.50
N PRO A 200 15.34 0.43 -3.77
CA PRO A 200 15.57 1.83 -4.16
C PRO A 200 14.26 2.59 -4.08
N LEU A 201 14.31 3.93 -4.07
CA LEU A 201 13.09 4.72 -4.15
C LEU A 201 12.37 4.45 -5.47
N ALA A 202 11.05 4.55 -5.46
CA ALA A 202 10.26 4.50 -6.68
C ALA A 202 9.55 5.82 -6.86
N ARG A 203 9.53 6.35 -8.08
CA ARG A 203 8.77 7.56 -8.35
C ARG A 203 7.38 7.20 -8.83
N ASN A 204 6.36 7.67 -8.12
CA ASN A 204 4.98 7.26 -8.39
C ASN A 204 4.13 8.38 -8.95
N THR A 205 3.28 8.06 -9.92
CA THR A 205 2.36 9.03 -10.49
C THR A 205 0.93 8.63 -10.12
N HIS A 206 0.18 9.57 -9.57
CA HIS A 206 -1.21 9.31 -9.27
C HIS A 206 -2.09 10.02 -10.28
N LYS A 207 -3.20 9.38 -10.63
CA LYS A 207 -4.18 10.01 -11.49
C LYS A 207 -5.52 9.82 -10.79
N GLN A 208 -6.22 10.91 -10.51
CA GLN A 208 -7.51 10.85 -9.85
C GLN A 208 -7.52 10.04 -8.56
N GLY A 209 -6.42 10.06 -7.81
CA GLY A 209 -6.36 9.40 -6.52
C GLY A 209 -5.80 8.00 -6.57
N ILE A 210 -5.53 7.51 -7.77
CA ILE A 210 -5.04 6.15 -7.89
C ILE A 210 -3.68 6.14 -8.55
N ILE A 211 -2.83 5.22 -8.11
CA ILE A 211 -1.51 5.10 -8.69
C ILE A 211 -1.62 4.50 -10.09
N VAL A 212 -0.97 5.12 -11.06
CA VAL A 212 -1.05 4.62 -12.44
C VAL A 212 0.30 4.20 -13.00
N GLU A 213 1.37 4.72 -12.39
CA GLU A 213 2.73 4.43 -12.85
C GLU A 213 3.69 4.52 -11.68
N SER A 214 4.67 3.61 -11.66
CA SER A 214 5.72 3.60 -10.65
C SER A 214 7.03 3.33 -11.38
N GLU A 215 8.06 4.13 -11.10
CA GLU A 215 9.35 4.01 -11.80
C GLU A 215 10.48 3.80 -10.79
N ALA A 216 11.27 2.74 -10.95
CA ALA A 216 12.41 2.51 -10.07
C ALA A 216 13.63 2.00 -10.85
N PRO A 217 14.85 2.27 -10.37
CA PRO A 217 15.14 3.09 -9.19
C PRO A 217 15.01 4.58 -9.47
N PHE A 218 14.48 5.32 -8.51
CA PHE A 218 14.54 6.77 -8.62
C PHE A 218 15.79 7.23 -7.89
N GLU A 219 16.75 7.71 -8.68
CA GLU A 219 18.07 7.96 -8.13
C GLU A 219 18.26 9.37 -7.62
N ASN A 220 18.37 9.43 -6.29
CA ASN A 220 18.62 10.66 -5.57
C ASN A 220 19.17 10.20 -4.23
N VAL A 221 20.48 10.25 -4.09
CA VAL A 221 21.15 9.63 -2.95
C VAL A 221 20.78 10.28 -1.62
N VAL A 222 20.52 11.58 -1.64
CA VAL A 222 20.16 12.31 -0.42
CA VAL A 222 20.16 12.31 -0.42
C VAL A 222 18.76 11.95 0.07
N LEU A 223 17.78 12.03 -0.81
CA LEU A 223 16.39 11.67 -0.46
C LEU A 223 16.29 10.22 -0.01
N ALA A 224 17.05 9.35 -0.66
CA ALA A 224 17.05 7.93 -0.33
C ALA A 224 17.54 7.74 1.10
N GLU A 225 18.60 8.45 1.46
CA GLU A 225 19.12 8.34 2.82
C GLU A 225 18.10 8.81 3.86
N LYS A 226 17.43 9.93 3.59
CA LYS A 226 16.39 10.41 4.48
C LYS A 226 15.25 9.42 4.58
N ALA A 227 14.87 8.84 3.45
CA ALA A 227 13.78 7.86 3.40
C ALA A 227 14.11 6.64 4.22
N GLN A 228 15.35 6.17 4.10
CA GLN A 228 15.79 4.97 4.83
C GLN A 228 15.80 5.20 6.34
N GLN A 229 16.23 6.38 6.77
CA GLN A 229 16.24 6.71 8.19
C GLN A 229 14.84 6.74 8.78
N ILE A 230 13.88 7.24 8.02
CA ILE A 230 12.49 7.28 8.48
C ILE A 230 11.97 5.84 8.58
N ALA A 231 12.28 5.02 7.57
CA ALA A 231 11.91 3.61 7.60
C ALA A 231 12.47 2.92 8.84
N LYS A 232 13.71 3.23 9.19
CA LYS A 232 14.33 2.60 10.37
C LYS A 232 13.63 2.96 11.66
N ILE A 233 13.18 4.22 11.77
CA ILE A 233 12.43 4.67 12.93
C ILE A 233 11.14 3.90 13.06
N LEU A 234 10.43 3.74 11.93
CA LEU A 234 9.17 3.02 11.92
C LEU A 234 9.35 1.55 12.30
N VAL A 235 10.35 0.90 11.72
CA VAL A 235 10.59 -0.53 11.99
C VAL A 235 10.88 -0.75 13.46
N LYS A 236 11.65 0.16 14.06
CA LYS A 236 12.04 0.04 15.45
C LYS A 236 10.87 0.29 16.40
N GLU A 237 10.11 1.36 16.16
CA GLU A 237 9.02 1.76 17.05
C GLU A 237 7.84 0.81 16.95
N PHE A 238 7.67 0.18 15.80
CA PHE A 238 6.57 -0.75 15.59
C PHE A 238 6.99 -2.18 15.89
N ALA A 239 8.28 -2.39 16.15
CA ALA A 239 8.90 -3.72 16.23
C ALA A 239 8.45 -4.51 15.01
N TYR A 240 8.74 -3.93 13.85
CA TYR A 240 8.08 -4.30 12.60
C TYR A 240 8.73 -5.52 11.98
N VAL A 241 7.92 -6.45 11.51
CA VAL A 241 8.40 -7.60 10.74
C VAL A 241 7.56 -7.70 9.47
N GLY A 242 8.21 -7.67 8.30
CA GLY A 242 7.49 -7.74 7.04
C GLY A 242 7.85 -6.62 6.10
N THR A 243 7.19 -6.57 4.95
CA THR A 243 7.36 -5.49 4.00
C THR A 243 6.57 -4.28 4.48
N LEU A 244 7.21 -3.10 4.40
CA LEU A 244 6.60 -1.85 4.85
C LEU A 244 6.70 -0.86 3.72
N ALA A 245 5.66 -0.05 3.51
CA ALA A 245 5.66 0.97 2.47
C ALA A 245 5.46 2.36 3.07
N ILE A 246 6.29 3.31 2.68
CA ILE A 246 6.13 4.70 3.07
C ILE A 246 6.03 5.59 1.83
N GLU A 247 4.94 6.35 1.72
CA GLU A 247 4.76 7.27 0.61
C GLU A 247 5.12 8.68 1.03
N PHE A 248 5.82 9.39 0.16
CA PHE A 248 6.30 10.73 0.46
C PHE A 248 5.86 11.73 -0.61
N PHE A 249 5.80 12.99 -0.22
CA PHE A 249 5.76 14.09 -1.16
C PHE A 249 7.20 14.63 -1.23
N VAL A 250 7.61 15.12 -2.40
CA VAL A 250 8.91 15.76 -2.52
C VAL A 250 8.68 17.18 -2.96
N LYS A 251 9.29 18.12 -2.24
CA LYS A 251 9.16 19.54 -2.55
C LYS A 251 10.06 20.40 -1.67
N GLU A 254 13.61 18.27 0.65
CA GLU A 254 12.52 18.08 1.61
C GLU A 254 11.66 16.86 1.30
N LEU A 255 11.72 15.87 2.18
CA LEU A 255 10.87 14.70 2.12
C LEU A 255 9.75 14.97 3.12
N ILE A 256 8.51 14.74 2.70
CA ILE A 256 7.38 14.95 3.58
C ILE A 256 6.58 13.67 3.54
N VAL A 257 6.30 13.09 4.71
CA VAL A 257 5.53 11.86 4.73
C VAL A 257 4.07 12.12 4.39
N ASN A 258 3.56 11.33 3.44
CA ASN A 258 2.16 11.33 3.04
C ASN A 258 1.39 10.31 3.89
N GLU A 259 1.71 9.04 3.70
CA GLU A 259 1.10 8.00 4.53
C GLU A 259 1.94 6.73 4.51
N ILE A 260 1.60 5.79 5.36
CA ILE A 260 2.34 4.53 5.39
C ILE A 260 1.34 3.39 5.22
N ALA A 261 1.83 2.27 4.73
CA ALA A 261 1.01 1.06 4.61
C ALA A 261 1.83 -0.11 5.13
N PRO A 262 1.35 -0.79 6.18
CA PRO A 262 2.10 -1.88 6.81
C PRO A 262 1.96 -3.18 6.02
N ARG A 263 2.44 -3.17 4.77
CA ARG A 263 2.21 -4.29 3.87
C ARG A 263 2.95 -4.07 2.57
N VAL A 264 2.98 -5.11 1.74
CA VAL A 264 3.33 -4.93 0.33
C VAL A 264 2.40 -3.89 -0.28
N HIS A 265 2.91 -3.14 -1.26
CA HIS A 265 2.21 -1.97 -1.74
C HIS A 265 2.33 -1.88 -3.25
N ASN A 266 1.33 -1.28 -3.88
CA ASN A 266 1.28 -1.09 -5.33
C ASN A 266 2.56 -0.46 -5.91
N SER A 267 3.18 0.44 -5.16
CA SER A 267 4.37 1.12 -5.65
C SER A 267 5.61 0.24 -5.63
N GLY A 268 5.45 -1.02 -5.23
CA GLY A 268 6.56 -1.97 -5.21
C GLY A 268 6.37 -3.13 -6.18
N HIS A 269 5.28 -3.09 -6.97
CA HIS A 269 4.98 -4.18 -7.90
C HIS A 269 6.06 -4.33 -8.97
N TRP A 270 6.74 -3.23 -9.28
CA TRP A 270 7.88 -3.28 -10.19
C TRP A 270 8.92 -4.31 -9.73
N SER A 271 9.03 -4.55 -8.42
CA SER A 271 10.12 -5.40 -7.92
C SER A 271 9.93 -6.87 -8.30
N ILE A 272 8.75 -7.25 -8.79
CA ILE A 272 8.54 -8.63 -9.23
C ILE A 272 9.51 -8.95 -10.38
N ASP A 273 9.70 -7.97 -11.27
CA ASP A 273 10.53 -8.17 -12.44
C ASP A 273 11.78 -7.30 -12.45
N GLY A 274 11.96 -6.47 -11.43
CA GLY A 274 13.10 -5.57 -11.41
C GLY A 274 14.07 -5.76 -10.26
N ALA A 275 13.79 -6.69 -9.35
CA ALA A 275 14.68 -6.90 -8.20
C ALA A 275 15.01 -8.40 -8.07
N VAL A 276 16.17 -8.72 -7.51
CA VAL A 276 16.55 -10.13 -7.36
C VAL A 276 15.53 -10.85 -6.48
N THR A 277 15.00 -10.12 -5.50
CA THR A 277 13.96 -10.63 -4.61
C THR A 277 12.86 -9.59 -4.50
N SER A 278 11.62 -9.97 -4.86
CA SER A 278 10.51 -9.02 -4.87
C SER A 278 10.04 -8.64 -3.48
N GLN A 279 9.27 -7.56 -3.39
CA GLN A 279 8.66 -7.19 -2.12
C GLN A 279 7.80 -8.31 -1.57
N PHE A 280 7.26 -9.15 -2.46
CA PHE A 280 6.37 -10.24 -2.04
C PHE A 280 7.15 -11.42 -1.47
N GLU A 281 8.18 -11.85 -2.19
CA GLU A 281 9.04 -12.91 -1.68
C GLU A 281 9.67 -12.51 -0.35
N ASN A 282 10.09 -11.25 -0.22
CA ASN A 282 10.70 -10.81 1.02
C ASN A 282 9.73 -10.65 2.18
N HIS A 283 8.48 -10.27 1.92
CA HIS A 283 7.48 -10.26 2.99
C HIS A 283 7.31 -11.67 3.55
N VAL A 284 7.24 -12.64 2.64
CA VAL A 284 7.06 -14.04 3.01
C VAL A 284 8.27 -14.53 3.77
N ARG A 285 9.47 -14.22 3.31
CA ARG A 285 10.66 -14.68 4.02
C ARG A 285 10.75 -14.05 5.41
N ALA A 286 10.41 -12.76 5.52
CA ALA A 286 10.39 -12.08 6.81
C ALA A 286 9.48 -12.78 7.81
N ILE A 287 8.21 -12.99 7.44
CA ILE A 287 7.26 -13.56 8.41
C ILE A 287 7.53 -15.04 8.69
N ALA A 288 8.22 -15.69 7.76
CA ALA A 288 8.58 -17.11 7.92
C ALA A 288 9.83 -17.31 8.77
N GLY A 289 10.45 -16.22 9.22
CA GLY A 289 11.63 -16.34 10.07
C GLY A 289 12.88 -16.68 9.27
N LEU A 290 12.85 -16.40 7.97
CA LEU A 290 13.98 -16.67 7.08
C LEU A 290 14.81 -15.41 6.85
N ILE A 291 16.08 -15.59 6.47
CA ILE A 291 16.91 -14.46 6.06
C ILE A 291 16.37 -13.90 4.75
N LEU A 292 16.41 -12.58 4.60
CA LEU A 292 15.80 -11.93 3.44
C LEU A 292 16.65 -12.07 2.19
N GLY A 293 15.99 -12.01 1.04
CA GLY A 293 16.68 -12.12 -0.23
C GLY A 293 17.34 -10.81 -0.65
N ASP A 294 18.39 -10.92 -1.44
CA ASP A 294 19.08 -9.76 -2.00
C ASP A 294 18.12 -8.90 -2.82
N THR A 295 18.27 -7.58 -2.78
CA THR A 295 17.32 -6.68 -3.41
C THR A 295 17.93 -5.83 -4.53
N THR A 296 19.03 -6.31 -5.12
CA THR A 296 19.72 -5.60 -6.20
C THR A 296 18.69 -5.37 -7.31
N SER A 297 18.62 -4.14 -7.81
CA SER A 297 17.50 -3.78 -8.68
C SER A 297 17.98 -3.20 -10.01
N ARG A 298 17.10 -3.26 -11.02
CA ARG A 298 17.38 -2.74 -12.35
C ARG A 298 16.21 -1.87 -12.80
N LYS A 299 16.50 -0.86 -13.61
CA LYS A 299 15.48 0.09 -14.04
C LYS A 299 14.24 -0.57 -14.63
N THR A 300 13.10 -0.28 -14.02
CA THR A 300 11.84 -0.94 -14.35
C THR A 300 10.74 0.09 -14.25
N VAL A 301 9.73 -0.02 -15.11
CA VAL A 301 8.53 0.78 -14.95
C VAL A 301 7.33 -0.13 -14.73
N LEU A 303 3.12 -0.18 -14.76
CA LEU A 303 1.92 0.56 -15.19
C LEU A 303 0.69 -0.17 -14.66
N ASN A 304 -0.21 0.57 -14.02
CA ASN A 304 -1.43 -0.02 -13.44
C ASN A 304 -2.54 -0.17 -14.46
N CYS A 305 -3.30 -1.26 -14.36
CA CYS A 305 -4.47 -1.46 -15.20
C CYS A 305 -5.69 -1.26 -14.32
N ILE A 306 -6.37 -0.15 -14.55
CA ILE A 306 -7.50 0.25 -13.72
C ILE A 306 -8.78 0.18 -14.52
N GLY A 307 -9.77 -0.51 -13.95
CA GLY A 307 -11.08 -0.58 -14.58
C GLY A 307 -11.15 -1.64 -15.64
N GLY A 308 -10.08 -1.73 -16.44
CA GLY A 308 -10.04 -2.66 -17.55
C GLY A 308 -8.59 -3.01 -17.83
N PRO A 310 -5.77 -4.34 -21.15
CA PRO A 310 -5.71 -4.65 -22.59
C PRO A 310 -5.80 -6.16 -22.83
N ALA A 311 -6.21 -6.54 -24.03
CA ALA A 311 -6.32 -7.95 -24.37
C ALA A 311 -4.95 -8.59 -24.23
N THR A 312 -4.91 -9.82 -23.72
CA THR A 312 -3.65 -10.48 -23.49
C THR A 312 -2.87 -10.67 -24.80
N LYS A 313 -3.58 -10.91 -25.89
CA LYS A 313 -2.91 -11.14 -27.16
C LYS A 313 -2.18 -9.87 -27.62
N ASP A 314 -2.74 -8.70 -27.28
CA ASP A 314 -2.13 -7.42 -27.63
C ASP A 314 -0.91 -7.15 -26.73
N LEU A 315 -1.02 -7.56 -25.47
CA LEU A 315 0.09 -7.40 -24.54
C LEU A 315 1.26 -8.33 -24.87
N ALA A 316 0.93 -9.56 -25.26
CA ALA A 316 1.95 -10.58 -25.55
C ALA A 316 2.80 -10.19 -26.77
N ALA A 317 2.21 -9.42 -27.68
CA ALA A 317 2.90 -8.96 -28.88
C ALA A 317 4.06 -8.03 -28.55
N LEU A 318 4.01 -7.42 -27.38
CA LEU A 318 5.07 -6.55 -26.92
C LEU A 318 5.93 -7.44 -26.04
N ASP A 319 6.91 -8.11 -26.65
CA ASP A 319 7.43 -9.34 -26.05
C ASP A 319 8.35 -9.20 -24.83
N ARG A 320 8.71 -7.96 -24.48
CA ARG A 320 9.47 -7.75 -23.25
C ARG A 320 8.61 -7.31 -22.06
N VAL A 321 7.34 -7.00 -22.30
CA VAL A 321 6.45 -6.58 -21.22
C VAL A 321 6.10 -7.79 -20.38
N LYS A 322 6.21 -7.64 -19.06
CA LYS A 322 5.80 -8.72 -18.15
C LYS A 322 4.39 -8.49 -17.65
N ILE A 323 3.52 -9.47 -17.93
CA ILE A 323 2.09 -9.32 -17.75
C ILE A 323 1.70 -9.81 -16.35
N HIS A 324 0.95 -8.98 -15.61
CA HIS A 324 0.45 -9.40 -14.29
C HIS A 324 -1.04 -9.15 -14.16
N SER A 325 -1.81 -10.04 -14.75
CA SER A 325 -3.26 -9.99 -14.67
C SER A 325 -3.67 -10.61 -13.35
N TYR A 326 -4.58 -9.98 -12.61
CA TYR A 326 -4.99 -10.54 -11.31
C TYR A 326 -6.19 -11.47 -11.47
N ASN A 327 -6.69 -11.59 -12.70
CA ASN A 327 -7.87 -12.40 -13.00
C ASN A 327 -9.05 -11.92 -12.17
N LYS A 328 -9.25 -10.59 -12.17
CA LYS A 328 -10.34 -9.99 -11.42
C LYS A 328 -11.39 -9.48 -12.38
N GLU A 329 -12.54 -9.11 -11.83
CA GLU A 329 -13.64 -8.60 -12.64
C GLU A 329 -13.48 -7.12 -12.92
N PRO A 330 -13.55 -6.73 -14.20
CA PRO A 330 -13.45 -5.33 -14.60
C PRO A 330 -14.59 -4.53 -14.00
N ARG A 331 -14.24 -3.42 -13.39
CA ARG A 331 -15.20 -2.53 -12.79
C ARG A 331 -14.47 -1.22 -12.73
N LYS A 332 -15.15 -0.16 -13.14
CA LYS A 332 -14.59 1.19 -13.11
C LYS A 332 -13.87 1.47 -11.80
N GLY A 333 -12.60 1.88 -11.89
CA GLY A 333 -11.82 2.25 -10.73
C GLY A 333 -11.11 1.13 -10.00
N ARG A 334 -11.33 -0.11 -10.45
CA ARG A 334 -10.79 -1.27 -9.75
C ARG A 334 -9.43 -1.71 -10.32
N LYS A 335 -8.51 -2.04 -9.43
CA LYS A 335 -7.19 -2.54 -9.84
C LYS A 335 -7.32 -3.98 -10.31
N VAL A 336 -7.10 -4.20 -11.61
CA VAL A 336 -7.31 -5.53 -12.17
C VAL A 336 -6.03 -6.21 -12.64
N GLY A 337 -4.92 -5.46 -12.65
CA GLY A 337 -3.65 -6.02 -13.07
C GLY A 337 -2.61 -4.93 -13.21
N HIS A 338 -1.38 -5.32 -13.51
CA HIS A 338 -0.34 -4.35 -13.85
C HIS A 338 0.61 -4.92 -14.89
N LEU A 339 1.41 -4.07 -15.51
CA LEU A 339 2.45 -4.53 -16.41
C LEU A 339 3.77 -3.99 -15.91
N ASN A 340 4.82 -4.81 -15.97
CA ASN A 340 6.18 -4.36 -15.69
C ASN A 340 7.04 -4.44 -16.95
N LEU A 341 7.98 -3.52 -17.09
CA LEU A 341 8.91 -3.55 -18.21
C LEU A 341 10.27 -3.08 -17.74
N ASN A 342 11.31 -3.91 -17.93
CA ASN A 342 12.68 -3.43 -17.71
C ASN A 342 13.03 -2.44 -18.81
N LEU A 343 13.68 -1.33 -18.43
CA LEU A 343 14.02 -0.29 -19.38
C LEU A 343 15.54 -0.19 -19.53
N ASN A 344 16.06 -0.73 -20.63
CA ASN A 344 17.48 -0.69 -20.93
C ASN A 344 17.79 0.10 -22.19
N ASP A 345 17.14 -0.27 -23.30
CA ASP A 345 17.49 0.28 -24.61
C ASP A 345 16.29 0.95 -25.29
N GLU A 346 16.47 1.32 -26.57
CA GLU A 346 15.43 2.02 -27.30
C GLU A 346 14.24 1.14 -27.66
N THR A 347 14.47 -0.16 -27.80
CA THR A 347 13.37 -1.09 -28.06
C THR A 347 12.43 -1.15 -26.86
N ASP A 348 12.98 -1.04 -25.65
CA ASP A 348 12.15 -0.99 -24.44
C ASP A 348 11.30 0.28 -24.43
N GLU A 349 11.90 1.41 -24.81
CA GLU A 349 11.16 2.68 -24.88
C GLU A 349 10.00 2.59 -25.87
N TYR A 350 10.24 1.93 -27.00
CA TYR A 350 9.24 1.74 -28.03
C TYR A 350 8.10 0.85 -27.54
N GLN A 351 8.43 -0.24 -26.85
CA GLN A 351 7.39 -1.12 -26.34
C GLN A 351 6.58 -0.40 -25.26
N LEU A 352 7.24 0.47 -24.50
CA LEU A 352 6.56 1.20 -23.41
C LEU A 352 5.50 2.13 -23.97
N LEU A 353 5.82 2.84 -25.06
CA LEU A 353 4.86 3.69 -25.74
C LEU A 353 3.65 2.89 -26.21
N GLN A 354 3.90 1.74 -26.81
CA GLN A 354 2.82 0.91 -27.34
C GLN A 354 1.92 0.39 -26.20
N VAL A 355 2.53 0.00 -25.08
CA VAL A 355 1.75 -0.49 -23.95
C VAL A 355 0.96 0.63 -23.25
N LYS A 356 1.50 1.84 -23.17
CA LYS A 356 0.74 2.98 -22.65
C LYS A 356 -0.47 3.31 -23.52
N LYS A 357 -0.33 3.14 -24.82
CA LYS A 357 -1.43 3.40 -25.75
C LYS A 357 -2.53 2.37 -25.53
N LEU A 358 -2.14 1.11 -25.39
CA LEU A 358 -3.09 0.03 -25.13
C LEU A 358 -3.84 0.29 -23.84
N ILE A 359 -3.12 0.73 -22.81
CA ILE A 359 -3.72 1.01 -21.51
C ILE A 359 -4.71 2.18 -21.61
N ALA A 360 -4.36 3.22 -22.36
CA ALA A 360 -5.25 4.38 -22.50
C ALA A 360 -6.60 3.98 -23.09
N LEU A 361 -6.63 2.88 -23.83
CA LEU A 361 -7.86 2.48 -24.50
C LEU A 361 -8.68 1.51 -23.65
N SER A 362 -8.02 0.90 -22.66
CA SER A 362 -8.69 -0.08 -21.80
C SER A 362 -9.05 0.47 -20.42
N GLU A 363 -8.39 1.56 -20.02
CA GLU A 363 -8.56 2.12 -18.69
C GLU A 363 -9.98 2.66 -18.45
N GLU A 364 -10.53 2.40 -17.26
CA GLU A 364 -11.76 3.06 -16.83
C GLU A 364 -11.54 3.50 -15.39
N ILE A 365 -11.32 4.79 -15.17
CA ILE A 365 -11.16 5.24 -13.80
C ILE A 365 -12.40 6.02 -13.36
#